data_7QOU
#
_entry.id   7QOU
#
_cell.length_a   106.084
_cell.length_b   106.084
_cell.length_c   82.975
_cell.angle_alpha   90.000
_cell.angle_beta   90.000
_cell.angle_gamma   90.000
#
_symmetry.space_group_name_H-M   'P 41 21 2'
#
loop_
_entity.id
_entity.type
_entity.pdbx_description
1 polymer 'Nitrile hydratase'
2 polymer 'Nitrile hydratase subunit beta'
3 non-polymer 'COBALT (II) ION'
4 non-polymer 'MAGNESIUM ION'
5 non-polymer 'CHLORIDE ION'
6 water water
#
loop_
_entity_poly.entity_id
_entity_poly.type
_entity_poly.pdbx_seq_one_letter_code
_entity_poly.pdbx_strand_id
1 'polypeptide(L)'
;MTIDQKNTNIDPRFPHHHPRPQSFWEARAKALESLLIEKGHLSSDAIERVIKHYEHELGPMNGAKVVAKAWTDPAFKQRL
LEDSETVLRELGYYGLQGEHIRVVENTDTVHNVVVCTL(CSD)S(CSD)YPWPLLGLPPSWYKEPAYRARVVKEPRQVLK
EFGLDLPDSVEIRVWDSSSEIRFMVLPQRPEGTEGVTEEELAKLVTRDSMIGVAKIEPPKVTVG
;
A
2 'polypeptide(L)'
;MNGIHDVGGMDGFGKVMYVKEEEDIYFTHDWERLAFGLVAGCMAQGLGMKAFDEFRIGIELMRPVDYLTSSYYGHWIATV
AYNLVDTGVLDEKELEERTEVFLKKPDTKIPRREDPALVKLVEKALYDGLSPLREISASPRFKVGERIKTKNIHPTGHTR
FPRYARVKYGVIDEVYGAHVFPDDAAHRKGENPQYLYRVRFEAEELWGYKQKDSVYIDLWESYMEPVSH
;
B
#
loop_
_chem_comp.id
_chem_comp.type
_chem_comp.name
_chem_comp.formula
CL non-polymer 'CHLORIDE ION' 'Cl -1'
CO non-polymer 'COBALT (II) ION' 'Co 2'
MG non-polymer 'MAGNESIUM ION' 'Mg 2'
#
# COMPACT_ATOMS: atom_id res chain seq x y z
N ILE A 10 -20.15 28.55 8.89
CA ILE A 10 -19.24 28.41 7.71
C ILE A 10 -19.59 29.45 6.67
N ASP A 11 -18.59 30.27 6.29
CA ASP A 11 -18.73 31.23 5.22
C ASP A 11 -18.69 30.40 3.95
N PRO A 12 -19.66 30.52 3.08
CA PRO A 12 -19.72 29.71 1.89
C PRO A 12 -18.65 29.99 0.86
N ARG A 13 -17.87 31.05 1.08
CA ARG A 13 -16.67 31.24 0.24
C ARG A 13 -15.59 30.29 0.65
N PHE A 14 -15.64 29.71 1.86
CA PHE A 14 -14.54 28.99 2.45
C PHE A 14 -14.91 27.62 3.03
N PRO A 15 -15.78 26.85 2.34
CA PRO A 15 -16.14 25.55 2.86
C PRO A 15 -14.94 24.61 3.01
N HIS A 16 -13.93 24.82 2.12
CA HIS A 16 -12.74 24.02 2.06
C HIS A 16 -11.81 24.22 3.19
N HIS A 17 -12.05 25.19 4.06
CA HIS A 17 -11.24 25.37 5.26
C HIS A 17 -11.69 24.46 6.39
N HIS A 18 -12.87 23.84 6.23
CA HIS A 18 -13.51 23.14 7.35
C HIS A 18 -13.50 21.64 7.10
N PRO A 19 -12.65 20.93 7.83
CA PRO A 19 -12.58 19.49 7.62
C PRO A 19 -13.77 18.76 8.21
N ARG A 20 -14.09 17.60 7.67
CA ARG A 20 -15.02 16.74 8.38
C ARG A 20 -14.46 16.40 9.73
N PRO A 21 -15.28 16.44 10.78
CA PRO A 21 -14.78 15.93 12.01
C PRO A 21 -14.71 14.38 11.99
N GLN A 22 -13.93 13.84 12.93
CA GLN A 22 -13.80 12.35 12.98
C GLN A 22 -15.15 11.68 13.34
N SER A 23 -15.99 12.40 14.04
CA SER A 23 -17.33 11.94 14.35
C SER A 23 -18.11 11.67 13.08
N PHE A 24 -17.91 12.48 12.01
CA PHE A 24 -18.53 12.27 10.74
C PHE A 24 -18.08 10.94 10.13
N TRP A 25 -16.76 10.71 10.10
CA TRP A 25 -16.30 9.45 9.51
C TRP A 25 -16.85 8.23 10.22
N GLU A 26 -16.96 8.31 11.52
CA GLU A 26 -17.53 7.27 12.34
C GLU A 26 -18.98 7.07 12.02
N ALA A 27 -19.76 8.12 11.93
CA ALA A 27 -21.16 8.06 11.59
C ALA A 27 -21.38 7.49 10.22
N ARG A 28 -20.56 7.94 9.28
CA ARG A 28 -20.65 7.46 7.91
C ARG A 28 -20.30 5.98 7.84
N ALA A 29 -19.30 5.54 8.59
CA ALA A 29 -18.94 4.12 8.60
C ALA A 29 -20.17 3.31 9.05
N LYS A 30 -20.79 3.74 10.16
CA LYS A 30 -21.97 3.02 10.69
C LYS A 30 -23.11 3.05 9.72
N ALA A 31 -23.36 4.14 9.04
CA ALA A 31 -24.41 4.23 8.07
C ALA A 31 -24.19 3.28 6.92
N LEU A 32 -22.95 3.18 6.43
CA LEU A 32 -22.59 2.24 5.42
C LEU A 32 -22.86 0.81 5.88
N GLU A 33 -22.36 0.50 7.04
CA GLU A 33 -22.56 -0.84 7.63
C GLU A 33 -24.09 -1.21 7.71
N SER A 34 -24.85 -0.24 8.23
N SER A 34 -24.87 -0.28 8.21
CA SER A 34 -26.29 -0.35 8.47
CA SER A 34 -26.25 -0.60 8.44
C SER A 34 -26.98 -0.69 7.18
C SER A 34 -27.01 -0.74 7.13
N LEU A 35 -26.76 0.17 6.18
CA LEU A 35 -27.41 0.07 4.88
C LEU A 35 -27.01 -1.26 4.17
N LEU A 36 -25.70 -1.60 4.20
CA LEU A 36 -25.23 -2.74 3.50
C LEU A 36 -25.78 -4.04 4.11
N ILE A 37 -25.86 -4.09 5.43
CA ILE A 37 -26.42 -5.27 6.12
C ILE A 37 -27.96 -5.32 5.85
N GLU A 38 -28.64 -4.19 5.96
CA GLU A 38 -30.11 -4.16 5.66
C GLU A 38 -30.43 -4.62 4.24
N LYS A 39 -29.57 -4.29 3.30
CA LYS A 39 -29.78 -4.65 1.89
C LYS A 39 -29.25 -5.99 1.51
N GLY A 40 -28.71 -6.74 2.50
CA GLY A 40 -28.17 -8.07 2.26
C GLY A 40 -26.81 -8.14 1.58
N HIS A 41 -26.10 -7.01 1.46
CA HIS A 41 -24.76 -7.02 0.86
C HIS A 41 -23.64 -7.42 1.77
N LEU A 42 -23.80 -7.21 3.07
CA LEU A 42 -22.86 -7.57 4.07
C LEU A 42 -23.58 -8.28 5.22
N SER A 43 -22.82 -8.89 6.06
CA SER A 43 -23.27 -9.56 7.29
C SER A 43 -22.35 -9.22 8.39
N SER A 44 -22.80 -9.39 9.61
CA SER A 44 -22.03 -9.16 10.77
C SER A 44 -20.78 -10.03 10.76
N ASP A 45 -20.92 -11.30 10.42
CA ASP A 45 -19.81 -12.21 10.44
C ASP A 45 -18.82 -12.02 9.32
N ALA A 46 -19.28 -11.49 8.19
CA ALA A 46 -18.34 -11.16 7.12
C ALA A 46 -17.40 -10.04 7.54
N ILE A 47 -17.98 -9.00 8.15
CA ILE A 47 -17.17 -7.88 8.64
C ILE A 47 -16.21 -8.33 9.70
N GLU A 48 -16.66 -9.14 10.66
CA GLU A 48 -15.81 -9.69 11.71
C GLU A 48 -14.68 -10.52 11.14
N ARG A 49 -14.96 -11.30 10.11
CA ARG A 49 -13.95 -12.18 9.55
C ARG A 49 -12.77 -11.37 8.97
N VAL A 50 -13.07 -10.26 8.35
CA VAL A 50 -12.05 -9.37 7.84
C VAL A 50 -11.22 -8.83 8.98
N ILE A 51 -11.87 -8.30 10.00
CA ILE A 51 -11.21 -7.69 11.12
C ILE A 51 -10.30 -8.69 11.77
N LYS A 52 -10.76 -9.94 12.02
CA LYS A 52 -9.93 -10.97 12.57
C LYS A 52 -8.69 -11.24 11.74
N HIS A 53 -8.86 -11.26 10.44
CA HIS A 53 -7.75 -11.55 9.57
C HIS A 53 -6.63 -10.52 9.63
N TYR A 54 -7.00 -9.26 9.54
CA TYR A 54 -6.00 -8.18 9.44
C TYR A 54 -5.55 -7.69 10.77
N GLU A 55 -6.32 -7.83 11.85
CA GLU A 55 -5.83 -7.41 13.16
C GLU A 55 -5.11 -8.54 13.87
N HIS A 56 -5.37 -9.79 13.58
CA HIS A 56 -4.88 -10.93 14.33
C HIS A 56 -4.19 -11.99 13.57
N GLU A 57 -4.68 -12.40 12.40
CA GLU A 57 -4.12 -13.53 11.68
C GLU A 57 -2.78 -13.21 11.00
N LEU A 58 -2.77 -12.07 10.34
CA LEU A 58 -1.60 -11.66 9.60
C LEU A 58 -0.69 -10.87 10.54
N GLY A 59 0.58 -10.75 10.16
CA GLY A 59 1.54 -9.97 10.90
C GLY A 59 2.95 -10.13 10.37
N PRO A 60 3.89 -9.33 10.90
CA PRO A 60 5.26 -9.39 10.41
C PRO A 60 6.02 -10.65 10.79
N MET A 61 5.42 -11.51 11.64
N MET A 61 5.44 -11.52 11.64
CA MET A 61 5.99 -12.80 11.97
CA MET A 61 6.14 -12.73 11.93
C MET A 61 6.26 -13.62 10.72
C MET A 61 6.27 -13.64 10.71
N ASN A 62 5.39 -13.50 9.72
CA ASN A 62 5.50 -14.27 8.49
C ASN A 62 6.80 -13.88 7.73
N GLY A 63 7.00 -12.59 7.51
CA GLY A 63 8.23 -12.15 6.96
C GLY A 63 9.47 -12.50 7.76
N ALA A 64 9.34 -12.40 9.10
CA ALA A 64 10.42 -12.80 9.96
C ALA A 64 10.88 -14.22 9.76
N LYS A 65 9.91 -15.12 9.59
CA LYS A 65 10.22 -16.52 9.36
C LYS A 65 10.95 -16.67 8.02
N VAL A 66 10.54 -15.91 7.01
CA VAL A 66 11.20 -15.98 5.70
C VAL A 66 12.65 -15.48 5.84
N VAL A 67 12.84 -14.37 6.53
CA VAL A 67 14.20 -13.80 6.70
C VAL A 67 15.08 -14.85 7.44
N ALA A 68 14.61 -15.39 8.57
CA ALA A 68 15.36 -16.36 9.33
C ALA A 68 15.68 -17.60 8.54
N LYS A 69 14.80 -18.05 7.67
CA LYS A 69 15.06 -19.19 6.80
C LYS A 69 16.12 -18.85 5.79
N ALA A 70 16.07 -17.66 5.20
CA ALA A 70 17.11 -17.19 4.23
C ALA A 70 18.48 -17.06 4.93
N TRP A 71 18.53 -16.65 6.17
CA TRP A 71 19.76 -16.54 6.91
C TRP A 71 20.36 -17.94 7.24
N THR A 72 19.51 -18.93 7.42
N THR A 72 19.56 -18.97 7.38
CA THR A 72 19.90 -20.28 7.86
CA THR A 72 20.08 -20.25 7.83
C THR A 72 20.23 -21.17 6.70
C THR A 72 20.02 -21.35 6.78
N ASP A 73 19.56 -21.03 5.59
CA ASP A 73 19.54 -21.95 4.49
C ASP A 73 19.92 -21.21 3.19
N PRO A 74 21.21 -21.27 2.80
CA PRO A 74 21.65 -20.53 1.65
C PRO A 74 20.94 -20.92 0.34
N ALA A 75 20.55 -22.18 0.17
CA ALA A 75 19.87 -22.66 -0.99
C ALA A 75 18.48 -22.00 -1.06
N PHE A 76 17.79 -21.95 0.09
CA PHE A 76 16.49 -21.25 0.19
C PHE A 76 16.67 -19.77 -0.14
N LYS A 77 17.65 -19.11 0.45
CA LYS A 77 17.90 -17.68 0.14
C LYS A 77 18.07 -17.46 -1.36
N GLN A 78 18.90 -18.29 -2.03
CA GLN A 78 19.11 -18.12 -3.44
C GLN A 78 17.81 -18.32 -4.21
N ARG A 79 17.03 -19.35 -3.89
CA ARG A 79 15.75 -19.49 -4.56
C ARG A 79 14.81 -18.30 -4.37
N LEU A 80 14.74 -17.82 -3.12
CA LEU A 80 13.90 -16.68 -2.74
C LEU A 80 14.26 -15.48 -3.60
N LEU A 81 15.54 -15.19 -3.72
CA LEU A 81 15.94 -13.99 -4.52
C LEU A 81 15.81 -14.18 -5.96
N GLU A 82 15.92 -15.39 -6.46
CA GLU A 82 15.77 -15.66 -7.96
C GLU A 82 14.30 -15.65 -8.39
N ASP A 83 13.41 -16.10 -7.50
CA ASP A 83 11.99 -16.15 -7.85
C ASP A 83 11.13 -16.10 -6.58
N SER A 84 11.07 -14.89 -6.04
CA SER A 84 10.42 -14.77 -4.73
C SER A 84 8.93 -15.04 -4.80
N GLU A 85 8.25 -14.74 -5.92
CA GLU A 85 6.84 -14.97 -6.01
C GLU A 85 6.48 -16.43 -5.92
N THR A 86 7.26 -17.26 -6.63
CA THR A 86 7.04 -18.70 -6.54
C THR A 86 7.32 -19.24 -5.19
N VAL A 87 8.41 -18.81 -4.57
CA VAL A 87 8.79 -19.29 -3.26
C VAL A 87 7.81 -18.90 -2.20
N LEU A 88 7.49 -17.61 -2.16
CA LEU A 88 6.57 -17.14 -1.17
C LEU A 88 5.20 -17.80 -1.27
N ARG A 89 4.72 -17.97 -2.49
CA ARG A 89 3.44 -18.65 -2.65
C ARG A 89 3.50 -20.11 -2.15
N GLU A 90 4.62 -20.79 -2.42
CA GLU A 90 4.83 -22.18 -1.94
C GLU A 90 4.71 -22.23 -0.43
N LEU A 91 5.21 -21.22 0.29
CA LEU A 91 5.13 -21.14 1.71
C LEU A 91 3.78 -20.75 2.27
N GLY A 92 2.88 -20.37 1.38
CA GLY A 92 1.57 -19.94 1.78
C GLY A 92 1.44 -18.44 2.05
N TYR A 93 2.50 -17.65 1.82
CA TYR A 93 2.41 -16.22 2.10
C TYR A 93 1.96 -15.51 0.83
N TYR A 94 0.66 -15.52 0.60
CA TYR A 94 0.05 -15.09 -0.61
C TYR A 94 -1.38 -14.69 -0.25
N GLY A 95 -1.91 -13.69 -0.90
CA GLY A 95 -3.28 -13.32 -0.77
C GLY A 95 -3.50 -11.91 -1.20
N LEU A 96 -4.60 -11.30 -0.77
CA LEU A 96 -4.94 -9.97 -1.16
C LEU A 96 -3.82 -8.98 -0.82
N GLN A 97 -3.34 -8.21 -1.79
CA GLN A 97 -2.21 -7.26 -1.61
C GLN A 97 -0.90 -7.95 -1.36
N GLY A 98 -0.81 -9.24 -1.68
CA GLY A 98 0.40 -10.00 -1.60
C GLY A 98 0.41 -11.03 -2.70
N GLU A 99 -0.09 -10.64 -3.90
CA GLU A 99 -0.13 -11.55 -5.06
C GLU A 99 1.20 -11.59 -5.80
N HIS A 100 1.96 -10.52 -5.68
CA HIS A 100 3.27 -10.42 -6.38
C HIS A 100 4.25 -9.71 -5.47
N ILE A 101 4.96 -10.49 -4.66
CA ILE A 101 5.89 -9.96 -3.68
C ILE A 101 7.31 -10.24 -4.10
N ARG A 102 8.11 -9.17 -4.15
CA ARG A 102 9.49 -9.28 -4.46
C ARG A 102 10.34 -9.00 -3.22
N VAL A 103 11.46 -9.65 -3.09
CA VAL A 103 12.41 -9.50 -2.03
C VAL A 103 13.66 -8.83 -2.52
N VAL A 104 14.09 -7.77 -1.81
CA VAL A 104 15.23 -7.03 -2.16
C VAL A 104 16.25 -7.13 -1.08
N GLU A 105 17.49 -7.53 -1.45
CA GLU A 105 18.50 -7.90 -0.50
C GLU A 105 19.40 -6.75 -0.09
N ASN A 106 19.46 -6.44 1.20
CA ASN A 106 20.48 -5.53 1.69
C ASN A 106 21.86 -6.18 1.63
N THR A 107 22.83 -5.44 1.28
CA THR A 107 24.24 -5.87 1.22
C THR A 107 25.07 -4.83 1.89
N ASP A 108 26.38 -5.01 1.98
CA ASP A 108 27.17 -4.06 2.72
C ASP A 108 27.13 -2.68 2.12
N THR A 109 27.01 -2.57 0.80
CA THR A 109 27.02 -1.25 0.12
C THR A 109 25.74 -0.87 -0.54
N VAL A 110 24.68 -1.69 -0.37
CA VAL A 110 23.37 -1.40 -0.94
C VAL A 110 22.33 -1.50 0.18
N HIS A 111 21.61 -0.45 0.45
CA HIS A 111 20.53 -0.44 1.44
C HIS A 111 19.22 -0.13 0.76
N ASN A 112 18.23 -0.98 0.95
CA ASN A 112 16.90 -0.84 0.34
C ASN A 112 15.88 -0.30 1.30
N VAL A 113 15.02 0.62 0.83
CA VAL A 113 13.97 1.20 1.65
C VAL A 113 12.72 1.22 0.80
N VAL A 114 11.59 0.82 1.35
CA VAL A 114 10.35 0.69 0.61
C VAL A 114 9.33 1.75 1.04
N VAL A 115 8.59 2.28 0.09
CA VAL A 115 7.57 3.27 0.30
C VAL A 115 6.39 3.04 -0.62
N CYS A 116 5.25 3.66 -0.28
CA CYS A 116 4.19 3.88 -1.24
C CYS A 116 3.90 5.40 -1.22
N THR A 117 4.54 6.13 -2.11
CA THR A 117 4.37 7.57 -2.05
C THR A 117 2.96 8.00 -2.29
N LEU A 118 2.25 7.26 -3.14
CA LEU A 118 0.90 7.62 -3.56
C LEU A 118 -0.16 7.20 -2.60
N CSD A 119 0.15 6.36 -1.61
CA CSD A 119 -0.89 5.89 -0.64
CB CSD A 119 -2.05 5.18 -1.34
SG CSD A 119 -1.58 3.83 -2.29
C CSD A 119 -0.29 5.12 0.52
O CSD A 119 0.06 5.75 1.54
OD1 CSD A 119 -1.01 4.39 -3.50
OD2 CSD A 119 -2.97 3.14 -2.58
N SER A 120 -0.19 3.83 0.49
CA SER A 120 0.14 3.05 1.68
C SER A 120 0.40 1.63 1.39
N CSD A 121 0.48 1.30 0.10
CA CSD A 121 0.65 -0.11 -0.35
CB CSD A 121 0.83 -0.06 -1.87
SG CSD A 121 -0.47 0.92 -2.47
C CSD A 121 1.75 -0.80 0.36
O CSD A 121 2.90 -0.31 0.47
OD1 CSD A 121 -1.74 0.17 -2.22
OD2 CSD A 121 -0.28 1.11 -3.95
N TYR A 122 1.42 -2.04 0.77
CA TYR A 122 2.23 -2.81 1.69
C TYR A 122 1.76 -4.27 1.60
N PRO A 123 2.68 -5.22 1.67
CA PRO A 123 2.28 -6.65 1.38
C PRO A 123 1.65 -7.32 2.64
N TRP A 124 0.37 -7.10 2.82
CA TRP A 124 -0.33 -7.59 4.02
C TRP A 124 -0.06 -9.13 4.28
N PRO A 125 -0.16 -9.98 3.27
CA PRO A 125 0.01 -11.42 3.55
C PRO A 125 1.32 -11.79 4.10
N LEU A 126 2.37 -11.01 3.91
CA LEU A 126 3.69 -11.31 4.39
C LEU A 126 4.05 -10.49 5.60
N LEU A 127 3.64 -9.22 5.68
CA LEU A 127 4.10 -8.32 6.71
C LEU A 127 2.99 -7.83 7.68
N GLY A 128 1.76 -8.13 7.36
CA GLY A 128 0.63 -7.58 8.12
C GLY A 128 0.39 -6.15 7.74
N LEU A 129 -0.20 -5.37 8.65
CA LEU A 129 -0.50 -3.98 8.33
C LEU A 129 0.66 -3.06 8.44
N PRO A 130 0.69 -2.01 7.61
CA PRO A 130 1.85 -1.10 7.61
C PRO A 130 2.00 -0.33 8.89
N PRO A 131 3.18 0.17 9.19
CA PRO A 131 3.33 1.12 10.31
C PRO A 131 2.44 2.34 10.19
N SER A 132 2.11 2.93 11.30
CA SER A 132 1.39 4.17 11.28
C SER A 132 2.04 5.20 10.38
N TRP A 133 3.36 5.40 10.54
CA TRP A 133 4.07 6.44 9.88
C TRP A 133 4.22 6.18 8.37
N TYR A 134 4.12 4.93 7.99
CA TYR A 134 4.33 4.54 6.57
C TYR A 134 3.27 5.11 5.70
N LYS A 135 2.06 5.32 6.22
CA LYS A 135 0.91 5.75 5.53
C LYS A 135 0.79 7.27 5.49
N GLU A 136 1.61 7.96 6.28
CA GLU A 136 1.45 9.39 6.49
C GLU A 136 2.39 10.22 5.60
N PRO A 137 2.07 11.51 5.38
CA PRO A 137 2.79 12.28 4.39
C PRO A 137 4.28 12.44 4.64
N ALA A 138 4.71 12.61 5.88
CA ALA A 138 6.08 12.96 6.10
C ALA A 138 7.04 11.90 5.51
N TYR A 139 6.82 10.63 5.85
CA TYR A 139 7.66 9.57 5.33
C TYR A 139 7.53 9.48 3.82
N ARG A 140 6.29 9.45 3.35
CA ARG A 140 6.01 9.26 1.93
C ARG A 140 6.62 10.34 1.09
N ALA A 141 6.54 11.59 1.51
CA ALA A 141 7.06 12.68 0.73
C ALA A 141 8.59 12.69 0.72
N ARG A 142 9.20 12.46 1.86
CA ARG A 142 10.59 12.72 2.06
C ARG A 142 11.51 11.57 1.66
N VAL A 143 11.05 10.33 1.85
CA VAL A 143 12.00 9.24 1.73
C VAL A 143 12.55 9.07 0.30
N VAL A 144 11.78 9.48 -0.71
CA VAL A 144 12.25 9.38 -2.09
C VAL A 144 13.33 10.41 -2.45
N LYS A 145 13.35 11.51 -1.72
CA LYS A 145 14.20 12.65 -1.99
C LYS A 145 15.40 12.75 -1.08
N GLU A 146 15.17 12.55 0.21
CA GLU A 146 16.21 12.63 1.25
C GLU A 146 16.20 11.40 2.11
N PRO A 147 16.36 10.18 1.53
CA PRO A 147 16.29 8.98 2.34
C PRO A 147 17.31 8.99 3.47
N ARG A 148 18.50 9.52 3.26
CA ARG A 148 19.46 9.55 4.41
C ARG A 148 18.96 10.33 5.59
N GLN A 149 18.32 11.45 5.37
CA GLN A 149 17.72 12.25 6.41
C GLN A 149 16.63 11.57 7.11
N VAL A 150 15.79 10.88 6.37
CA VAL A 150 14.69 10.11 6.94
C VAL A 150 15.24 8.95 7.77
N LEU A 151 16.21 8.20 7.24
CA LEU A 151 16.76 7.06 7.98
C LEU A 151 17.46 7.52 9.26
N LYS A 152 18.06 8.71 9.28
CA LYS A 152 18.67 9.20 10.52
C LYS A 152 17.61 9.40 11.56
N GLU A 153 16.37 9.80 11.23
CA GLU A 153 15.28 9.91 12.19
C GLU A 153 14.90 8.61 12.82
N PHE A 154 15.18 7.52 12.15
CA PHE A 154 14.98 6.19 12.67
C PHE A 154 16.19 5.64 13.41
N GLY A 155 17.25 6.42 13.46
CA GLY A 155 18.45 5.92 14.11
C GLY A 155 19.42 5.21 13.22
N LEU A 156 19.23 5.28 11.89
CA LEU A 156 20.07 4.62 10.94
C LEU A 156 20.84 5.64 10.16
N ASP A 157 22.16 5.77 10.43
CA ASP A 157 22.99 6.79 9.85
C ASP A 157 24.00 6.10 8.95
N LEU A 158 23.68 5.98 7.67
CA LEU A 158 24.52 5.27 6.68
C LEU A 158 25.65 6.17 6.25
N PRO A 159 26.82 5.58 5.99
CA PRO A 159 27.92 6.24 5.36
C PRO A 159 27.56 6.69 3.93
N ASP A 160 28.20 7.72 3.44
CA ASP A 160 28.00 8.21 2.10
C ASP A 160 28.33 7.24 1.07
N SER A 161 29.20 6.28 1.33
CA SER A 161 29.52 5.26 0.41
C SER A 161 28.53 4.12 0.25
N VAL A 162 27.57 4.01 1.18
CA VAL A 162 26.45 3.00 1.00
C VAL A 162 25.44 3.65 0.03
N GLU A 163 25.10 2.90 -1.00
CA GLU A 163 24.11 3.32 -1.94
C GLU A 163 22.73 3.00 -1.38
N ILE A 164 21.77 3.88 -1.54
CA ILE A 164 20.39 3.68 -1.14
C ILE A 164 19.51 3.52 -2.34
N ARG A 165 18.69 2.47 -2.35
CA ARG A 165 17.69 2.22 -3.37
C ARG A 165 16.34 2.32 -2.68
N VAL A 166 15.51 3.26 -3.09
CA VAL A 166 14.18 3.43 -2.57
C VAL A 166 13.22 2.82 -3.59
N TRP A 167 12.32 2.01 -3.14
CA TRP A 167 11.40 1.26 -3.99
C TRP A 167 10.00 1.85 -3.74
N ASP A 168 9.46 2.50 -4.75
CA ASP A 168 8.15 3.13 -4.69
C ASP A 168 7.15 2.16 -5.23
N SER A 169 6.18 1.78 -4.44
CA SER A 169 5.16 0.73 -4.72
C SER A 169 4.03 1.29 -5.55
N SER A 170 4.32 1.74 -6.76
CA SER A 170 3.34 2.38 -7.63
C SER A 170 2.44 1.43 -8.39
N SER A 171 2.74 0.16 -8.40
CA SER A 171 1.86 -0.85 -9.00
C SER A 171 1.33 -1.80 -7.95
N GLU A 172 0.77 -2.92 -8.32
CA GLU A 172 0.43 -3.91 -7.33
C GLU A 172 1.62 -4.81 -6.93
N ILE A 173 2.78 -4.67 -7.58
CA ILE A 173 3.99 -5.36 -7.14
C ILE A 173 4.36 -4.81 -5.74
N ARG A 174 4.71 -5.70 -4.84
CA ARG A 174 5.08 -5.32 -3.48
C ARG A 174 6.52 -5.71 -3.22
N PHE A 175 7.15 -5.07 -2.24
CA PHE A 175 8.54 -5.27 -1.94
C PHE A 175 8.79 -5.50 -0.46
N MET A 176 9.54 -6.57 -0.10
N MET A 176 9.66 -6.45 -0.12
CA MET A 176 10.05 -6.79 1.23
CA MET A 176 10.02 -6.71 1.23
C MET A 176 11.59 -6.63 1.19
C MET A 176 11.57 -6.76 1.29
N VAL A 177 12.12 -5.97 2.21
CA VAL A 177 13.57 -5.95 2.40
C VAL A 177 14.03 -7.16 3.16
N LEU A 178 15.08 -7.80 2.65
CA LEU A 178 15.78 -8.86 3.40
C LEU A 178 17.00 -8.21 4.07
N PRO A 179 16.93 -7.97 5.38
CA PRO A 179 18.08 -7.36 6.06
C PRO A 179 19.18 -8.41 6.30
N GLN A 180 20.39 -7.93 6.51
CA GLN A 180 21.52 -8.81 6.76
C GLN A 180 21.43 -9.38 8.19
N ARG A 181 21.88 -10.61 8.33
CA ARG A 181 22.04 -11.21 9.67
C ARG A 181 23.11 -10.46 10.40
N PRO A 182 22.83 -10.09 11.64
CA PRO A 182 23.83 -9.36 12.42
C PRO A 182 24.97 -10.25 12.91
N GLU A 183 26.06 -9.57 13.29
CA GLU A 183 27.13 -10.31 13.97
C GLU A 183 26.65 -10.81 15.33
N GLY A 184 27.39 -11.77 15.88
CA GLY A 184 27.14 -12.21 17.23
C GLY A 184 26.01 -13.21 17.32
N THR A 185 25.68 -13.86 16.20
CA THR A 185 24.57 -14.80 16.20
C THR A 185 24.97 -16.21 15.84
N GLU A 186 26.26 -16.52 16.07
CA GLU A 186 26.72 -17.91 15.99
C GLU A 186 25.98 -18.76 17.02
N GLY A 187 25.49 -19.91 16.56
CA GLY A 187 24.79 -20.88 17.48
C GLY A 187 23.31 -20.63 17.67
N VAL A 188 22.77 -19.52 17.08
CA VAL A 188 21.38 -19.16 17.34
C VAL A 188 20.58 -19.91 16.30
N THR A 189 19.49 -20.50 16.81
CA THR A 189 18.69 -21.36 15.94
C THR A 189 17.84 -20.50 14.97
N GLU A 190 17.27 -21.15 13.97
CA GLU A 190 16.35 -20.46 13.02
C GLU A 190 15.21 -19.81 13.76
N GLU A 191 14.60 -20.55 14.71
CA GLU A 191 13.47 -20.07 15.44
C GLU A 191 13.83 -18.87 16.26
N GLU A 192 15.03 -18.81 16.84
CA GLU A 192 15.45 -17.75 17.68
C GLU A 192 15.83 -16.53 16.77
N LEU A 193 16.46 -16.82 15.65
CA LEU A 193 16.78 -15.76 14.69
C LEU A 193 15.49 -15.02 14.23
N ALA A 194 14.40 -15.73 13.98
CA ALA A 194 13.18 -15.08 13.57
C ALA A 194 12.77 -14.04 14.55
N LYS A 195 12.97 -14.29 15.84
CA LYS A 195 12.57 -13.37 16.89
C LYS A 195 13.35 -12.10 16.87
N LEU A 196 14.48 -12.09 16.20
CA LEU A 196 15.29 -10.89 16.04
C LEU A 196 14.89 -10.00 14.87
N VAL A 197 14.07 -10.54 13.96
CA VAL A 197 13.74 -9.80 12.76
C VAL A 197 12.66 -8.81 13.04
N THR A 198 12.97 -7.51 12.99
CA THR A 198 11.97 -6.48 13.23
C THR A 198 11.19 -6.15 12.01
N ARG A 199 9.94 -5.69 12.22
CA ARG A 199 9.14 -5.17 11.15
C ARG A 199 9.90 -4.10 10.40
N ASP A 200 10.51 -3.17 11.12
CA ASP A 200 11.15 -2.06 10.52
C ASP A 200 12.32 -2.50 9.60
N SER A 201 13.02 -3.55 9.94
CA SER A 201 14.11 -4.04 9.09
C SER A 201 13.59 -4.55 7.75
N MET A 202 12.34 -4.98 7.69
CA MET A 202 11.74 -5.52 6.45
C MET A 202 11.15 -4.43 5.57
N ILE A 203 11.17 -3.19 6.04
CA ILE A 203 10.85 -2.00 5.26
C ILE A 203 12.11 -1.24 4.87
N GLY A 204 13.24 -1.48 5.59
CA GLY A 204 14.50 -0.84 5.29
C GLY A 204 14.81 0.33 6.15
N VAL A 205 13.98 0.67 7.19
CA VAL A 205 14.25 1.79 8.02
C VAL A 205 15.11 1.43 9.26
N ALA A 206 15.50 0.18 9.40
CA ALA A 206 16.40 -0.25 10.48
C ALA A 206 17.23 -1.41 10.00
N LYS A 207 18.47 -1.51 10.53
CA LYS A 207 19.23 -2.76 10.47
C LYS A 207 18.93 -3.53 11.75
N ILE A 208 19.38 -4.78 11.76
N ILE A 208 19.37 -4.77 11.80
CA ILE A 208 19.22 -5.66 12.93
CA ILE A 208 19.12 -5.55 13.00
C ILE A 208 20.40 -5.40 13.88
C ILE A 208 20.35 -5.49 13.88
N GLU A 209 20.09 -5.13 15.13
CA GLU A 209 21.15 -5.03 16.18
C GLU A 209 21.72 -6.39 16.54
N PRO A 210 23.05 -6.44 16.74
CA PRO A 210 23.63 -7.71 17.29
C PRO A 210 23.02 -7.90 18.69
N PRO A 211 22.63 -9.12 19.06
CA PRO A 211 22.03 -9.36 20.40
C PRO A 211 23.12 -9.26 21.51
N MET B 1 -4.35 12.17 -11.41
N MET B 1 -4.00 12.18 -11.54
CA MET B 1 -4.70 13.57 -10.92
CA MET B 1 -4.55 13.49 -11.08
C MET B 1 -3.53 14.10 -10.15
C MET B 1 -3.53 14.09 -10.14
N ASN B 2 -3.26 15.39 -10.30
CA ASN B 2 -2.17 16.03 -9.64
C ASN B 2 -2.60 16.47 -8.22
N GLY B 3 -2.95 15.51 -7.40
CA GLY B 3 -3.70 15.81 -6.17
C GLY B 3 -2.83 15.81 -4.92
N ILE B 4 -3.48 16.14 -3.83
CA ILE B 4 -2.86 16.13 -2.52
C ILE B 4 -2.20 14.77 -2.16
N HIS B 5 -2.70 13.69 -2.70
CA HIS B 5 -2.19 12.40 -2.34
C HIS B 5 -0.79 12.19 -2.90
N ASP B 6 -0.44 12.91 -3.97
CA ASP B 6 0.82 12.65 -4.67
C ASP B 6 1.93 13.48 -4.09
N VAL B 7 2.46 13.00 -2.98
CA VAL B 7 3.31 13.77 -2.11
C VAL B 7 4.81 13.60 -2.33
N GLY B 8 5.19 12.62 -3.16
CA GLY B 8 6.62 12.33 -3.26
C GLY B 8 7.36 13.57 -3.66
N GLY B 9 8.45 13.88 -2.99
CA GLY B 9 9.28 15.07 -3.20
C GLY B 9 8.79 16.35 -2.57
N MET B 10 7.67 16.34 -1.86
CA MET B 10 7.21 17.54 -1.20
C MET B 10 8.00 17.85 0.07
N ASP B 11 8.04 19.12 0.39
CA ASP B 11 8.60 19.64 1.59
C ASP B 11 7.54 20.16 2.52
N GLY B 12 7.85 20.23 3.81
CA GLY B 12 7.01 20.83 4.80
C GLY B 12 6.16 19.90 5.61
N PHE B 13 6.18 18.60 5.33
CA PHE B 13 5.37 17.68 6.09
C PHE B 13 5.99 17.29 7.42
N GLY B 14 7.23 17.69 7.66
CA GLY B 14 7.89 17.56 8.95
C GLY B 14 8.52 16.21 9.24
N LYS B 15 8.81 15.99 10.53
CA LYS B 15 9.50 14.80 11.03
C LYS B 15 8.58 13.59 10.94
N VAL B 16 9.19 12.45 10.74
CA VAL B 16 8.48 11.21 10.80
C VAL B 16 8.20 10.88 12.27
N MET B 17 6.96 10.57 12.61
CA MET B 17 6.66 10.25 14.01
C MET B 17 7.10 8.72 14.28
N TYR B 18 8.35 8.49 14.63
CA TYR B 18 8.85 7.15 14.93
C TYR B 18 8.05 6.66 16.17
N VAL B 19 7.70 5.37 16.09
CA VAL B 19 7.17 4.65 17.24
C VAL B 19 7.76 3.25 17.18
N LYS B 20 8.12 2.71 18.35
CA LYS B 20 8.58 1.32 18.41
C LYS B 20 7.50 0.43 17.89
N GLU B 21 7.83 -0.57 17.08
CA GLU B 21 6.82 -1.40 16.53
C GLU B 21 5.84 -2.04 17.46
N GLU B 22 6.34 -2.47 18.62
N GLU B 22 6.38 -2.43 18.62
CA GLU B 22 5.44 -3.11 19.59
CA GLU B 22 5.58 -3.04 19.67
C GLU B 22 4.42 -2.15 20.17
C GLU B 22 4.48 -2.15 20.20
N GLU B 23 4.69 -0.85 20.09
CA GLU B 23 3.76 0.14 20.53
C GLU B 23 2.86 0.74 19.45
N ASP B 24 3.02 0.27 18.21
CA ASP B 24 2.36 0.92 17.07
C ASP B 24 1.03 0.20 16.85
N ILE B 25 0.05 0.59 17.67
CA ILE B 25 -1.26 0.02 17.64
C ILE B 25 -1.90 0.10 16.28
N TYR B 26 -2.60 -0.96 15.88
CA TYR B 26 -3.30 -0.91 14.60
C TYR B 26 -4.54 -0.05 14.59
N PHE B 27 -5.41 -0.23 15.58
CA PHE B 27 -6.71 0.38 15.62
C PHE B 27 -6.93 0.96 17.00
N THR B 28 -7.43 2.20 17.05
CA THR B 28 -7.80 2.81 18.28
C THR B 28 -9.29 3.02 18.43
N HIS B 29 -10.06 2.86 17.35
CA HIS B 29 -11.53 3.05 17.36
C HIS B 29 -12.13 1.95 16.53
N ASP B 30 -13.30 1.46 17.00
CA ASP B 30 -13.97 0.40 16.30
C ASP B 30 -14.36 0.79 14.86
N TRP B 31 -14.65 2.05 14.58
CA TRP B 31 -15.06 2.42 13.22
C TRP B 31 -13.93 2.18 12.24
N GLU B 32 -12.69 2.21 12.73
CA GLU B 32 -11.51 1.94 11.87
C GLU B 32 -11.47 0.47 11.47
N ARG B 33 -11.73 -0.43 12.43
CA ARG B 33 -11.89 -1.87 12.13
C ARG B 33 -13.03 -2.08 11.14
N LEU B 34 -14.15 -1.41 11.37
CA LEU B 34 -15.29 -1.49 10.49
C LEU B 34 -14.90 -1.05 9.07
N ALA B 35 -14.11 0.02 8.95
CA ALA B 35 -13.66 0.46 7.62
C ALA B 35 -12.99 -0.66 6.86
N PHE B 36 -12.13 -1.41 7.55
CA PHE B 36 -11.41 -2.53 6.92
C PHE B 36 -12.45 -3.55 6.43
N GLY B 37 -13.43 -3.88 7.30
CA GLY B 37 -14.42 -4.87 6.94
C GLY B 37 -15.27 -4.42 5.80
N LEU B 38 -15.62 -3.15 5.71
CA LEU B 38 -16.38 -2.61 4.61
C LEU B 38 -15.60 -2.70 3.31
N VAL B 39 -14.35 -2.34 3.31
CA VAL B 39 -13.56 -2.38 2.08
C VAL B 39 -13.42 -3.78 1.59
N ALA B 40 -12.94 -4.70 2.41
CA ALA B 40 -12.68 -6.05 1.90
C ALA B 40 -13.99 -6.77 1.62
N GLY B 41 -15.00 -6.52 2.45
CA GLY B 41 -16.27 -7.17 2.23
C GLY B 41 -16.93 -6.72 0.92
N CYS B 42 -16.88 -5.47 0.59
CA CYS B 42 -17.41 -5.01 -0.68
C CYS B 42 -16.56 -5.47 -1.82
N MET B 43 -15.23 -5.32 -1.76
CA MET B 43 -14.35 -5.67 -2.90
C MET B 43 -14.46 -7.15 -3.19
N ALA B 44 -14.58 -7.98 -2.17
CA ALA B 44 -14.71 -9.44 -2.38
C ALA B 44 -15.90 -9.79 -3.25
N GLN B 45 -16.94 -8.93 -3.27
CA GLN B 45 -18.17 -9.18 -4.02
C GLN B 45 -18.25 -8.27 -5.23
N GLY B 46 -17.22 -7.49 -5.53
CA GLY B 46 -17.22 -6.54 -6.62
C GLY B 46 -18.20 -5.40 -6.47
N LEU B 47 -18.54 -5.07 -5.21
CA LEU B 47 -19.53 -4.03 -4.94
CA LEU B 47 -19.54 -4.05 -4.92
C LEU B 47 -18.80 -2.71 -4.82
N GLY B 48 -19.00 -1.83 -5.77
CA GLY B 48 -18.39 -0.54 -5.86
C GLY B 48 -16.96 -0.53 -6.35
N MET B 49 -16.30 -1.71 -6.25
CA MET B 49 -14.90 -1.85 -6.66
C MET B 49 -14.60 -3.33 -6.92
N LYS B 50 -13.94 -3.59 -8.05
CA LYS B 50 -13.52 -4.95 -8.45
C LYS B 50 -12.08 -5.26 -8.00
N ALA B 51 -11.31 -4.20 -7.73
CA ALA B 51 -9.94 -4.28 -7.28
C ALA B 51 -9.56 -2.95 -6.68
N PHE B 52 -8.26 -2.69 -6.62
CA PHE B 52 -7.81 -1.48 -5.93
C PHE B 52 -7.80 -0.18 -6.70
N ASP B 53 -7.95 -0.24 -8.02
CA ASP B 53 -7.90 0.92 -8.82
C ASP B 53 -9.05 1.91 -8.47
N GLU B 54 -10.27 1.32 -8.44
CA GLU B 54 -11.47 2.11 -8.10
C GLU B 54 -11.36 2.62 -6.64
N PHE B 55 -10.85 1.77 -5.78
CA PHE B 55 -10.59 2.11 -4.42
C PHE B 55 -9.73 3.37 -4.31
N ARG B 56 -8.61 3.36 -5.06
CA ARG B 56 -7.67 4.48 -4.88
C ARG B 56 -8.20 5.78 -5.38
N ILE B 57 -8.87 5.78 -6.52
CA ILE B 57 -9.33 7.06 -7.07
C ILE B 57 -10.38 7.73 -6.13
N GLY B 58 -11.20 6.92 -5.42
CA GLY B 58 -12.13 7.50 -4.41
C GLY B 58 -11.43 8.25 -3.31
N ILE B 59 -10.28 7.77 -2.91
CA ILE B 59 -9.43 8.43 -1.91
C ILE B 59 -8.82 9.70 -2.48
N GLU B 60 -8.30 9.61 -3.71
CA GLU B 60 -7.64 10.74 -4.30
C GLU B 60 -8.60 11.90 -4.59
N LEU B 61 -9.89 11.60 -4.72
CA LEU B 61 -10.92 12.60 -4.94
C LEU B 61 -11.35 13.33 -3.69
N MET B 62 -10.84 12.92 -2.51
CA MET B 62 -11.26 13.59 -1.28
C MET B 62 -10.86 15.06 -1.34
N ARG B 63 -11.67 15.88 -0.66
CA ARG B 63 -11.22 17.24 -0.45
C ARG B 63 -9.87 17.24 0.23
N PRO B 64 -8.90 18.05 -0.26
CA PRO B 64 -7.59 18.03 0.40
C PRO B 64 -7.62 18.22 1.92
N VAL B 65 -8.53 19.06 2.42
CA VAL B 65 -8.56 19.28 3.84
C VAL B 65 -9.04 18.02 4.58
N ASP B 66 -9.86 17.21 3.94
CA ASP B 66 -10.31 15.95 4.51
C ASP B 66 -9.20 14.93 4.41
N TYR B 67 -8.54 14.84 3.26
CA TYR B 67 -7.48 13.88 3.08
C TYR B 67 -6.46 14.05 4.24
N LEU B 68 -6.07 15.26 4.60
CA LEU B 68 -5.02 15.50 5.57
C LEU B 68 -5.52 15.39 7.02
N THR B 69 -6.83 15.38 7.25
CA THR B 69 -7.40 15.37 8.64
C THR B 69 -8.21 14.16 9.03
N SER B 70 -8.64 13.32 8.09
CA SER B 70 -9.62 12.29 8.37
C SER B 70 -9.05 11.18 9.18
N SER B 71 -7.71 11.06 9.14
CA SER B 71 -7.00 9.82 9.55
C SER B 71 -7.11 8.76 8.47
N TYR B 72 -6.22 7.79 8.51
CA TYR B 72 -6.05 6.82 7.45
C TYR B 72 -7.40 6.14 7.04
N TYR B 73 -8.04 5.50 8.03
CA TYR B 73 -9.24 4.76 7.74
C TYR B 73 -10.41 5.67 7.37
N GLY B 74 -10.32 6.96 7.59
CA GLY B 74 -11.28 7.91 7.03
C GLY B 74 -11.19 7.93 5.53
N HIS B 75 -9.98 7.78 4.98
CA HIS B 75 -9.82 7.64 3.56
C HIS B 75 -10.65 6.48 3.02
N TRP B 76 -10.58 5.39 3.79
CA TRP B 76 -11.27 4.13 3.38
C TRP B 76 -12.80 4.31 3.41
N ILE B 77 -13.31 4.94 4.46
CA ILE B 77 -14.73 5.26 4.51
C ILE B 77 -15.15 6.17 3.33
N ALA B 78 -14.33 7.17 3.01
CA ALA B 78 -14.65 8.10 1.93
C ALA B 78 -14.76 7.32 0.61
N THR B 79 -13.81 6.43 0.31
CA THR B 79 -13.84 5.74 -0.96
C THR B 79 -14.94 4.72 -1.06
N VAL B 80 -15.26 4.05 0.02
CA VAL B 80 -16.39 3.13 0.00
C VAL B 80 -17.66 3.91 -0.31
N ALA B 81 -17.86 4.98 0.42
CA ALA B 81 -19.06 5.83 0.19
C ALA B 81 -19.11 6.30 -1.29
N TYR B 82 -18.01 6.84 -1.77
CA TYR B 82 -17.92 7.36 -3.11
C TYR B 82 -18.29 6.31 -4.12
N ASN B 83 -17.66 5.13 -4.03
CA ASN B 83 -17.81 4.12 -5.06
C ASN B 83 -19.17 3.45 -5.01
N LEU B 84 -19.71 3.26 -3.82
CA LEU B 84 -21.04 2.61 -3.73
C LEU B 84 -22.10 3.53 -4.29
N VAL B 85 -22.00 4.82 -4.05
CA VAL B 85 -22.96 5.76 -4.63
C VAL B 85 -22.73 5.88 -6.14
N ASP B 86 -21.46 5.91 -6.58
CA ASP B 86 -21.19 6.10 -8.01
C ASP B 86 -21.71 4.98 -8.82
N THR B 87 -21.66 3.74 -8.38
CA THR B 87 -22.10 2.54 -9.10
C THR B 87 -23.58 2.25 -8.93
N GLY B 88 -24.26 2.97 -8.02
CA GLY B 88 -25.69 2.78 -7.83
C GLY B 88 -26.05 1.70 -6.83
N VAL B 89 -25.09 1.22 -6.04
CA VAL B 89 -25.32 0.27 -4.96
C VAL B 89 -26.12 0.99 -3.84
N LEU B 90 -25.70 2.22 -3.48
CA LEU B 90 -26.34 3.04 -2.49
C LEU B 90 -26.80 4.32 -3.09
N ASP B 91 -27.93 4.83 -2.59
CA ASP B 91 -28.43 6.08 -2.95
C ASP B 91 -27.84 7.20 -2.13
N GLU B 92 -27.47 8.31 -2.73
CA GLU B 92 -26.82 9.40 -1.97
C GLU B 92 -27.68 9.94 -0.85
N LYS B 93 -28.93 10.24 -1.15
CA LYS B 93 -29.76 10.82 -0.14
C LYS B 93 -29.98 9.81 0.99
N GLU B 94 -30.25 8.54 0.68
CA GLU B 94 -30.44 7.57 1.75
C GLU B 94 -29.21 7.52 2.65
N LEU B 95 -28.01 7.51 2.02
CA LEU B 95 -26.76 7.47 2.79
C LEU B 95 -26.60 8.69 3.69
N GLU B 96 -26.91 9.87 3.15
CA GLU B 96 -26.88 11.10 3.99
C GLU B 96 -27.87 11.07 5.19
N GLU B 97 -29.07 10.61 4.90
CA GLU B 97 -30.08 10.49 5.97
C GLU B 97 -29.63 9.53 7.02
N ARG B 98 -29.09 8.37 6.59
CA ARG B 98 -28.67 7.41 7.57
C ARG B 98 -27.46 7.88 8.37
N THR B 99 -26.55 8.62 7.70
CA THR B 99 -25.43 9.20 8.37
C THR B 99 -25.87 10.19 9.48
N GLU B 100 -26.93 10.96 9.14
CA GLU B 100 -27.55 11.90 10.14
C GLU B 100 -28.09 11.17 11.34
N VAL B 101 -28.73 10.04 11.11
CA VAL B 101 -29.24 9.18 12.18
C VAL B 101 -28.13 8.85 13.12
N PHE B 102 -26.98 8.36 12.61
CA PHE B 102 -25.93 7.98 13.46
C PHE B 102 -25.13 9.14 14.08
N LEU B 103 -25.20 10.29 13.45
CA LEU B 103 -24.57 11.51 14.00
C LEU B 103 -25.36 11.96 15.28
N LYS B 104 -26.68 11.94 15.17
CA LYS B 104 -27.57 12.41 16.25
C LYS B 104 -27.72 11.37 17.32
N LYS B 105 -27.68 10.09 16.95
CA LYS B 105 -27.80 9.00 17.91
C LYS B 105 -26.69 7.94 17.66
N PRO B 106 -25.53 8.17 18.19
CA PRO B 106 -24.42 7.27 17.83
C PRO B 106 -24.61 5.84 18.31
N ASP B 107 -25.46 5.68 19.33
CA ASP B 107 -25.65 4.37 19.93
C ASP B 107 -26.78 3.56 19.23
N THR B 108 -27.32 4.11 18.14
CA THR B 108 -28.31 3.45 17.30
C THR B 108 -27.82 2.04 17.03
N LYS B 109 -28.71 1.07 17.18
CA LYS B 109 -28.28 -0.35 17.08
C LYS B 109 -28.01 -0.70 15.62
N ILE B 110 -26.98 -1.51 15.45
CA ILE B 110 -26.63 -1.99 14.10
C ILE B 110 -27.36 -3.31 13.89
N PRO B 111 -28.03 -3.44 12.72
CA PRO B 111 -28.69 -4.69 12.43
C PRO B 111 -27.69 -5.86 12.39
N ARG B 112 -28.06 -7.01 12.91
CA ARG B 112 -27.23 -8.24 12.95
C ARG B 112 -27.71 -9.23 11.93
N ARG B 113 -26.76 -9.85 11.24
CA ARG B 113 -27.05 -10.91 10.25
C ARG B 113 -25.86 -11.84 10.16
N GLU B 114 -26.11 -13.13 10.20
CA GLU B 114 -25.10 -14.16 9.96
C GLU B 114 -25.29 -14.67 8.55
N ASP B 115 -24.20 -14.78 7.79
CA ASP B 115 -24.24 -15.29 6.44
C ASP B 115 -22.94 -16.08 6.22
N PRO B 116 -22.90 -17.35 6.64
CA PRO B 116 -21.66 -18.14 6.56
C PRO B 116 -21.17 -18.27 5.13
N ALA B 117 -22.09 -18.31 4.15
CA ALA B 117 -21.63 -18.37 2.76
C ALA B 117 -20.86 -17.13 2.36
N LEU B 118 -21.28 -15.95 2.84
CA LEU B 118 -20.62 -14.72 2.54
C LEU B 118 -19.25 -14.70 3.21
N VAL B 119 -19.18 -15.24 4.44
CA VAL B 119 -17.89 -15.39 5.10
C VAL B 119 -16.91 -16.16 4.22
N LYS B 120 -17.37 -17.28 3.64
CA LYS B 120 -16.45 -18.11 2.83
C LYS B 120 -16.05 -17.36 1.59
N LEU B 121 -16.94 -16.60 1.00
CA LEU B 121 -16.68 -15.84 -0.19
C LEU B 121 -15.61 -14.74 0.11
N VAL B 122 -15.77 -14.07 1.24
CA VAL B 122 -14.80 -13.09 1.67
C VAL B 122 -13.43 -13.69 1.94
N GLU B 123 -13.39 -14.84 2.63
CA GLU B 123 -12.15 -15.61 2.77
C GLU B 123 -11.45 -15.92 1.49
N LYS B 124 -12.19 -16.28 0.46
CA LYS B 124 -11.54 -16.50 -0.85
C LYS B 124 -10.82 -15.30 -1.39
N ALA B 125 -11.35 -14.09 -1.27
CA ALA B 125 -10.67 -12.90 -1.66
C ALA B 125 -9.46 -12.75 -0.86
N LEU B 126 -9.55 -12.95 0.45
CA LEU B 126 -8.44 -12.69 1.27
C LEU B 126 -7.26 -13.57 0.90
N TYR B 127 -7.51 -14.84 0.63
CA TYR B 127 -6.44 -15.79 0.36
C TYR B 127 -6.11 -15.92 -1.09
N ASP B 128 -7.02 -15.79 -1.99
CA ASP B 128 -6.75 -15.95 -3.44
C ASP B 128 -6.29 -14.62 -4.08
N GLY B 129 -6.63 -13.51 -3.47
CA GLY B 129 -6.25 -12.18 -3.95
C GLY B 129 -6.83 -11.83 -5.29
N LEU B 130 -6.29 -10.76 -5.87
CA LEU B 130 -6.84 -10.12 -7.06
C LEU B 130 -5.72 -9.76 -8.01
N SER B 131 -4.88 -10.70 -8.34
CA SER B 131 -3.71 -10.37 -9.20
C SER B 131 -4.16 -9.67 -10.46
N PRO B 132 -3.49 -8.57 -10.84
CA PRO B 132 -3.81 -7.82 -12.03
C PRO B 132 -3.00 -8.23 -13.26
N LEU B 133 -2.28 -9.31 -13.14
CA LEU B 133 -1.41 -9.79 -14.28
C LEU B 133 -2.31 -10.38 -15.31
N ARG B 134 -2.08 -9.99 -16.56
CA ARG B 134 -2.86 -10.51 -17.72
C ARG B 134 -1.88 -10.80 -18.81
N GLU B 135 -2.36 -11.32 -19.91
CA GLU B 135 -1.56 -11.48 -21.12
C GLU B 135 -2.20 -10.68 -22.21
N ILE B 136 -1.36 -10.12 -23.09
CA ILE B 136 -1.81 -9.43 -24.23
C ILE B 136 -1.02 -9.91 -25.43
N SER B 137 -1.54 -9.66 -26.63
CA SER B 137 -0.86 -10.14 -27.81
C SER B 137 0.31 -9.30 -28.29
N ALA B 138 0.32 -8.05 -27.90
CA ALA B 138 1.41 -7.14 -28.22
C ALA B 138 2.66 -7.50 -27.50
N SER B 139 3.76 -7.08 -28.10
CA SER B 139 5.04 -7.23 -27.49
C SER B 139 5.42 -5.90 -26.69
N PRO B 140 6.30 -6.05 -25.68
CA PRO B 140 6.73 -4.83 -24.95
C PRO B 140 7.43 -3.84 -25.84
N ARG B 141 7.15 -2.55 -25.69
CA ARG B 141 7.85 -1.53 -26.40
C ARG B 141 9.30 -1.34 -25.94
N PHE B 142 9.54 -1.61 -24.65
CA PHE B 142 10.83 -1.32 -24.04
C PHE B 142 11.52 -2.61 -23.59
N LYS B 143 12.82 -2.52 -23.41
CA LYS B 143 13.62 -3.67 -22.99
C LYS B 143 14.47 -3.33 -21.76
N VAL B 144 14.84 -4.36 -21.00
CA VAL B 144 15.74 -4.17 -19.89
C VAL B 144 17.03 -3.53 -20.33
N GLY B 145 17.45 -2.49 -19.61
CA GLY B 145 18.59 -1.73 -19.93
C GLY B 145 18.40 -0.52 -20.83
N GLU B 146 17.23 -0.42 -21.47
CA GLU B 146 16.94 0.73 -22.29
C GLU B 146 16.78 1.98 -21.51
N ARG B 147 17.35 3.05 -22.00
CA ARG B 147 17.10 4.37 -21.48
C ARG B 147 15.81 4.93 -22.06
N ILE B 148 14.90 5.31 -21.20
CA ILE B 148 13.64 5.90 -21.59
C ILE B 148 13.53 7.30 -21.03
N LYS B 149 12.57 8.07 -21.56
CA LYS B 149 12.17 9.31 -20.96
C LYS B 149 10.69 9.27 -20.59
N THR B 150 10.38 9.59 -19.36
CA THR B 150 9.03 9.55 -18.97
C THR B 150 8.29 10.77 -19.58
N LYS B 151 7.00 10.61 -19.86
CA LYS B 151 6.24 11.64 -20.56
C LYS B 151 5.92 12.83 -19.70
N ASN B 152 5.64 13.95 -20.35
CA ASN B 152 4.96 15.10 -19.74
C ASN B 152 3.49 14.91 -19.95
N ILE B 153 2.81 14.14 -19.12
CA ILE B 153 1.37 14.00 -19.17
C ILE B 153 0.82 14.36 -17.80
N HIS B 154 -0.41 14.82 -17.79
CA HIS B 154 -1.14 15.28 -16.62
C HIS B 154 -2.57 14.77 -16.61
N PRO B 155 -2.73 13.48 -16.42
CA PRO B 155 -4.10 12.87 -16.46
C PRO B 155 -4.93 13.63 -15.36
N THR B 156 -6.13 14.02 -15.73
CA THR B 156 -7.01 14.57 -14.64
C THR B 156 -7.73 13.43 -13.93
N GLY B 157 -7.79 12.25 -14.50
CA GLY B 157 -8.23 11.04 -13.81
C GLY B 157 -7.07 10.36 -13.04
N HIS B 158 -7.38 9.17 -12.54
CA HIS B 158 -6.43 8.40 -11.79
C HIS B 158 -5.17 8.06 -12.62
N THR B 159 -4.02 8.12 -11.96
CA THR B 159 -2.80 7.57 -12.61
C THR B 159 -1.87 7.11 -11.52
N ARG B 160 -0.93 6.25 -11.90
CA ARG B 160 0.13 5.77 -11.02
C ARG B 160 1.48 6.34 -11.38
N PHE B 161 1.49 7.42 -12.16
CA PHE B 161 2.64 8.09 -12.65
C PHE B 161 2.91 9.27 -11.74
N PRO B 162 3.75 9.14 -10.67
CA PRO B 162 3.91 10.22 -9.72
C PRO B 162 4.49 11.49 -10.37
N ARG B 163 4.08 12.66 -9.94
CA ARG B 163 4.60 13.87 -10.50
C ARG B 163 6.12 13.96 -10.44
N TYR B 164 6.73 13.52 -9.31
CA TYR B 164 8.17 13.65 -9.19
C TYR B 164 8.94 12.83 -10.23
N ALA B 165 8.30 11.90 -10.89
CA ALA B 165 8.94 11.06 -11.90
C ALA B 165 8.68 11.47 -13.32
N ARG B 166 7.99 12.58 -13.54
CA ARG B 166 7.57 12.99 -14.90
C ARG B 166 8.65 13.78 -15.56
N VAL B 167 8.82 13.59 -16.86
CA VAL B 167 9.85 14.29 -17.63
C VAL B 167 11.25 13.94 -17.09
N LYS B 168 11.50 12.62 -16.91
CA LYS B 168 12.76 12.12 -16.34
C LYS B 168 13.30 11.02 -17.22
N TYR B 169 14.62 11.01 -17.37
CA TYR B 169 15.28 9.86 -17.93
C TYR B 169 15.45 8.77 -16.88
N GLY B 170 15.16 7.54 -17.26
CA GLY B 170 15.38 6.39 -16.42
C GLY B 170 15.84 5.20 -17.22
N VAL B 171 16.04 4.10 -16.55
CA VAL B 171 16.54 2.88 -17.21
C VAL B 171 15.64 1.72 -16.82
N ILE B 172 15.14 0.99 -17.82
CA ILE B 172 14.30 -0.16 -17.57
C ILE B 172 15.03 -1.22 -16.78
N ASP B 173 14.50 -1.58 -15.63
CA ASP B 173 15.04 -2.57 -14.75
C ASP B 173 14.46 -3.95 -14.90
N GLU B 174 13.20 -4.05 -15.25
CA GLU B 174 12.49 -5.31 -15.45
C GLU B 174 11.23 -5.04 -16.23
N VAL B 175 10.85 -5.98 -17.10
CA VAL B 175 9.54 -6.04 -17.73
C VAL B 175 8.70 -7.06 -16.97
N TYR B 176 7.72 -6.61 -16.20
CA TYR B 176 6.95 -7.50 -15.38
C TYR B 176 6.00 -8.38 -16.18
N GLY B 177 5.44 -7.88 -17.21
CA GLY B 177 4.30 -8.44 -17.93
C GLY B 177 3.24 -7.40 -18.05
N ALA B 178 2.07 -7.73 -18.59
CA ALA B 178 1.02 -6.79 -18.80
C ALA B 178 0.11 -6.82 -17.53
N HIS B 179 -0.11 -5.68 -16.96
CA HIS B 179 -1.00 -5.55 -15.82
C HIS B 179 -2.16 -4.65 -16.17
N VAL B 180 -3.35 -4.94 -15.54
CA VAL B 180 -4.51 -4.07 -15.63
C VAL B 180 -4.03 -2.62 -15.50
N PHE B 181 -4.58 -1.75 -16.31
CA PHE B 181 -4.09 -0.40 -16.46
C PHE B 181 -4.91 0.52 -15.57
N PRO B 182 -4.30 1.08 -14.49
CA PRO B 182 -5.08 1.84 -13.52
C PRO B 182 -5.80 3.03 -14.03
N ASP B 183 -5.24 3.73 -15.00
CA ASP B 183 -5.74 5.01 -15.45
C ASP B 183 -7.13 4.77 -16.11
N ASP B 184 -7.35 3.58 -16.67
CA ASP B 184 -8.65 3.23 -17.23
C ASP B 184 -9.49 2.46 -16.21
N ALA B 185 -8.94 1.45 -15.57
CA ALA B 185 -9.68 0.61 -14.69
C ALA B 185 -10.30 1.33 -13.50
N ALA B 186 -9.61 2.35 -12.96
CA ALA B 186 -10.11 3.09 -11.83
C ALA B 186 -11.46 3.72 -12.15
N HIS B 187 -11.66 4.06 -13.44
CA HIS B 187 -12.86 4.72 -13.97
C HIS B 187 -13.80 3.73 -14.63
N ARG B 188 -13.61 2.47 -14.43
CA ARG B 188 -14.52 1.44 -14.92
C ARG B 188 -14.56 1.43 -16.44
N LYS B 189 -13.44 1.74 -17.07
CA LYS B 189 -13.27 1.73 -18.52
C LYS B 189 -12.61 0.53 -19.12
N GLY B 190 -12.53 -0.53 -18.38
CA GLY B 190 -11.93 -1.76 -18.92
C GLY B 190 -10.57 -2.03 -18.32
N GLU B 191 -10.23 -3.31 -18.19
CA GLU B 191 -8.93 -3.70 -17.69
C GLU B 191 -7.80 -3.11 -18.59
N ASN B 192 -7.95 -3.18 -19.87
CA ASN B 192 -7.05 -2.65 -20.88
C ASN B 192 -5.59 -2.82 -20.47
N PRO B 193 -5.16 -4.06 -20.23
CA PRO B 193 -3.84 -4.29 -19.66
C PRO B 193 -2.74 -3.79 -20.57
N GLN B 194 -1.66 -3.31 -20.00
CA GLN B 194 -0.50 -2.70 -20.69
C GLN B 194 0.72 -3.23 -19.99
N TYR B 195 1.83 -3.31 -20.72
CA TYR B 195 3.05 -3.74 -20.09
C TYR B 195 3.46 -2.79 -18.97
N LEU B 196 3.90 -3.42 -17.88
CA LEU B 196 4.34 -2.75 -16.66
C LEU B 196 5.83 -3.01 -16.58
N TYR B 197 6.58 -1.96 -16.20
CA TYR B 197 8.02 -1.99 -16.09
C TYR B 197 8.50 -1.48 -14.74
N ARG B 198 9.61 -1.97 -14.24
CA ARG B 198 10.27 -1.28 -13.13
C ARG B 198 11.33 -0.45 -13.77
N VAL B 199 11.48 0.77 -13.30
CA VAL B 199 12.38 1.74 -13.89
C VAL B 199 13.22 2.40 -12.77
N ARG B 200 14.54 2.42 -12.96
CA ARG B 200 15.44 3.07 -12.01
C ARG B 200 15.69 4.50 -12.42
N PHE B 201 15.61 5.40 -11.44
CA PHE B 201 15.96 6.80 -11.61
C PHE B 201 17.00 7.22 -10.62
N GLU B 202 17.98 7.97 -11.10
CA GLU B 202 19.05 8.43 -10.25
C GLU B 202 18.66 9.75 -9.56
N ALA B 203 19.18 9.97 -8.34
CA ALA B 203 18.94 11.16 -7.58
C ALA B 203 19.29 12.44 -8.39
N GLU B 204 20.39 12.41 -9.15
CA GLU B 204 20.75 13.60 -9.89
C GLU B 204 19.69 13.94 -10.92
N GLU B 205 19.10 12.99 -11.55
CA GLU B 205 18.06 13.22 -12.53
C GLU B 205 16.73 13.65 -11.85
N LEU B 206 16.37 13.00 -10.75
CA LEU B 206 15.15 13.32 -10.07
C LEU B 206 15.16 14.68 -9.47
N TRP B 207 16.24 15.05 -8.77
CA TRP B 207 16.31 16.20 -7.88
C TRP B 207 17.40 17.15 -8.16
N GLY B 208 18.38 16.77 -8.94
CA GLY B 208 19.64 17.51 -9.08
C GLY B 208 20.49 17.36 -7.80
N TYR B 209 20.24 16.34 -6.97
CA TYR B 209 20.99 16.17 -5.72
C TYR B 209 22.11 15.18 -5.94
N LYS B 210 23.02 15.15 -4.93
CA LYS B 210 24.44 14.63 -5.14
C LYS B 210 24.80 13.37 -4.44
N GLN B 211 23.88 12.78 -3.64
CA GLN B 211 24.11 11.55 -2.98
C GLN B 211 23.88 10.24 -3.89
N LYS B 212 24.37 9.15 -3.39
CA LYS B 212 24.25 7.82 -4.00
C LYS B 212 22.89 7.20 -3.70
N ASP B 213 21.86 7.88 -4.16
CA ASP B 213 20.47 7.50 -3.97
C ASP B 213 19.84 7.24 -5.31
N SER B 214 18.88 6.33 -5.36
CA SER B 214 18.10 6.09 -6.55
C SER B 214 16.71 5.70 -6.13
N VAL B 215 15.76 5.79 -7.06
CA VAL B 215 14.39 5.37 -6.86
C VAL B 215 13.98 4.40 -7.94
N TYR B 216 13.42 3.28 -7.54
CA TYR B 216 12.85 2.29 -8.45
C TYR B 216 11.35 2.51 -8.40
N ILE B 217 10.73 2.70 -9.56
CA ILE B 217 9.32 3.01 -9.70
C ILE B 217 8.71 2.09 -10.74
N ASP B 218 7.54 1.53 -10.49
CA ASP B 218 6.86 0.76 -11.48
C ASP B 218 5.96 1.61 -12.36
N LEU B 219 6.19 1.62 -13.66
CA LEU B 219 5.54 2.47 -14.59
C LEU B 219 4.94 1.71 -15.74
N TRP B 220 3.69 2.02 -16.13
CA TRP B 220 3.06 1.42 -17.27
C TRP B 220 3.65 2.03 -18.56
N GLU B 221 3.57 1.22 -19.61
CA GLU B 221 4.22 1.54 -20.87
C GLU B 221 3.88 2.90 -21.40
N SER B 222 2.57 3.27 -21.31
CA SER B 222 2.09 4.56 -21.84
C SER B 222 2.57 5.77 -21.08
N TYR B 223 3.27 5.58 -19.94
CA TYR B 223 3.85 6.68 -19.23
C TYR B 223 5.18 7.13 -19.78
N MET B 224 5.70 6.38 -20.77
CA MET B 224 7.09 6.52 -21.17
C MET B 224 7.23 6.58 -22.68
N GLU B 225 8.37 7.11 -23.12
N GLU B 225 8.36 7.12 -23.13
CA GLU B 225 8.79 7.19 -24.53
CA GLU B 225 8.72 7.14 -24.55
C GLU B 225 10.21 6.69 -24.68
C GLU B 225 10.20 6.77 -24.73
N PRO B 226 10.55 6.22 -25.90
CA PRO B 226 11.95 5.93 -26.15
C PRO B 226 12.81 7.18 -26.30
N VAL B 227 14.11 7.03 -26.29
CA VAL B 227 15.17 8.11 -26.47
C VAL B 227 16.02 7.46 -27.65
CO CO C . -0.32 2.58 -1.11
MG MG D . 4.85 -1.38 -7.07
CL CL E . 20.57 -4.73 6.85
MG MG F . 29.73 -9.06 6.55
#